data_8H52
#
_entry.id   8H52
#
_cell.length_a   194.077
_cell.length_b   194.077
_cell.length_c   194.077
_cell.angle_alpha   90.000
_cell.angle_beta   90.000
_cell.angle_gamma   90.000
#
_symmetry.space_group_name_H-M   'I 21 3'
#
loop_
_entity.id
_entity.type
_entity.pdbx_description
1 polymer 'Saccharopine dehydrogenase'
2 non-polymer 'NADP NICOTINAMIDE-ADENINE-DINUCLEOTIDE PHOSPHATE'
#
_entity_poly.entity_id   1
_entity_poly.type   'polypeptide(L)'
_entity_poly.pdbx_seq_one_letter_code
;GSHMASMHTVLQIGAGGVGSVVAHKMGMNRDVFKNIILASRSLDKCYAIKESMLKKGLGEIGVEQVDADDTQALVALIQK
YKPKVVINVALPYQDLTIMQACLETKTHYIDTANYEHPDLAKFEYKEQWAFDRAYKEARILGVLGAGFDPGVTNAYVAHA
QRHHFDTIHTLDILDCNAGDHKRPFATNFNPEINLREVSSKGRYYENGKWIETKPLEIKQVWAYPQIGEMDSYLLYHEEL
ESLVKNIKGLRRARFFMTFSQNYLTHMKCLENVGMLGIKEIEHQGVKIVPIQFLKTLLPDPATLAKDTTGKTNIGCYMTG
IKNNQDKTLYIYNVCDHKKCYEEVGSQAISYTTGVPAMCAAKMICNDTWSADHFRAGVFNIEELNTDPFMEELIKQGLPY
EVIER
;
_entity_poly.pdbx_strand_id   A
#
# COMPACT_ATOMS: atom_id res chain seq x y z
N HIS A 8 21.40 -12.56 0.57
CA HIS A 8 20.95 -11.42 1.38
C HIS A 8 19.87 -11.74 2.48
N THR A 9 19.86 -10.97 3.59
CA THR A 9 18.94 -11.17 4.71
C THR A 9 18.05 -9.94 4.96
N VAL A 10 16.75 -10.19 5.15
CA VAL A 10 15.73 -9.15 5.30
C VAL A 10 14.68 -9.60 6.31
N LEU A 11 14.22 -8.65 7.14
CA LEU A 11 13.22 -8.90 8.16
C LEU A 11 11.93 -8.19 7.81
N GLN A 12 10.80 -8.88 7.98
CA GLN A 12 9.49 -8.37 7.60
C GLN A 12 8.56 -8.38 8.80
N ILE A 13 7.89 -7.25 9.02
CA ILE A 13 6.99 -7.08 10.14
C ILE A 13 5.57 -7.01 9.60
N GLY A 14 4.77 -8.01 9.98
CA GLY A 14 3.41 -8.15 9.51
C GLY A 14 3.17 -9.52 8.88
N ALA A 15 2.22 -10.27 9.41
CA ALA A 15 1.78 -11.51 8.79
C ALA A 15 0.36 -11.36 8.24
N GLY A 16 0.13 -10.22 7.57
CA GLY A 16 -1.18 -9.89 7.10
C GLY A 16 -1.59 -10.69 5.89
N GLY A 17 -2.76 -10.35 5.37
CA GLY A 17 -3.06 -10.73 4.00
C GLY A 17 -1.98 -10.25 3.07
N VAL A 18 -1.61 -8.98 3.19
CA VAL A 18 -0.45 -8.42 2.48
C VAL A 18 0.81 -9.15 2.89
N GLY A 19 1.00 -9.34 4.20
CA GLY A 19 2.21 -9.98 4.68
C GLY A 19 2.44 -11.34 4.06
N SER A 20 1.39 -12.15 3.94
CA SER A 20 1.56 -13.44 3.28
C SER A 20 2.07 -13.28 1.86
N VAL A 21 1.70 -12.20 1.17
CA VAL A 21 2.16 -12.03 -0.21
C VAL A 21 3.64 -11.66 -0.23
N VAL A 22 4.04 -10.70 0.60
CA VAL A 22 5.43 -10.21 0.54
C VAL A 22 6.40 -11.34 0.84
N ALA A 23 6.13 -12.10 1.91
CA ALA A 23 6.96 -13.25 2.23
C ALA A 23 6.96 -14.25 1.08
N HIS A 24 5.77 -14.71 0.69
CA HIS A 24 5.68 -15.64 -0.43
C HIS A 24 6.48 -15.16 -1.62
N LYS A 25 6.28 -13.89 -2.03
CA LYS A 25 6.98 -13.38 -3.21
C LYS A 25 8.49 -13.37 -3.00
N MET A 26 8.96 -13.12 -1.78
CA MET A 26 10.39 -13.21 -1.53
C MET A 26 10.89 -14.64 -1.69
N GLY A 27 10.14 -15.61 -1.19
CA GLY A 27 10.52 -17.00 -1.38
C GLY A 27 10.51 -17.44 -2.84
N MET A 28 9.74 -16.76 -3.68
CA MET A 28 9.76 -17.12 -5.09
C MET A 28 10.96 -16.51 -5.80
N ASN A 29 11.54 -15.47 -5.22
CA ASN A 29 12.83 -14.95 -5.68
C ASN A 29 13.91 -15.34 -4.68
N ARG A 30 14.17 -16.64 -4.59
CA ARG A 30 15.17 -17.06 -3.61
C ARG A 30 16.57 -16.60 -4.04
N ASP A 31 16.76 -16.31 -5.32
CA ASP A 31 18.06 -15.82 -5.80
C ASP A 31 18.46 -14.50 -5.16
N VAL A 32 17.52 -13.74 -4.61
CA VAL A 32 17.84 -12.49 -3.93
C VAL A 32 17.54 -12.54 -2.44
N PHE A 33 16.61 -13.39 -2.03
CA PHE A 33 16.20 -13.48 -0.63
C PHE A 33 16.55 -14.88 -0.15
N LYS A 34 17.71 -14.98 0.50
CA LYS A 34 18.14 -16.20 1.16
C LYS A 34 17.68 -16.27 2.60
N ASN A 35 17.55 -15.14 3.30
CA ASN A 35 17.12 -15.14 4.71
C ASN A 35 15.93 -14.20 4.88
N ILE A 36 14.72 -14.74 4.87
CA ILE A 36 13.51 -13.96 5.14
C ILE A 36 13.05 -14.31 6.55
N ILE A 37 13.17 -13.37 7.47
CA ILE A 37 12.64 -13.53 8.82
C ILE A 37 11.35 -12.72 8.89
N LEU A 38 10.32 -13.34 9.49
CA LEU A 38 8.96 -12.81 9.51
C LEU A 38 8.51 -12.60 10.95
N ALA A 39 8.04 -11.39 11.27
CA ALA A 39 7.86 -10.93 12.65
C ALA A 39 6.48 -10.30 12.82
N SER A 40 5.67 -10.78 13.78
CA SER A 40 4.32 -10.25 13.96
C SER A 40 3.85 -10.43 15.41
N ARG A 41 2.74 -9.77 15.74
CA ARG A 41 2.19 -9.82 17.11
C ARG A 41 1.68 -11.21 17.45
N SER A 42 0.94 -11.84 16.54
CA SER A 42 0.42 -13.18 16.74
C SER A 42 1.15 -14.15 15.82
N LEU A 43 1.71 -15.20 16.40
CA LEU A 43 2.51 -16.17 15.66
C LEU A 43 1.68 -17.15 14.85
N ASP A 44 0.38 -17.26 15.12
CA ASP A 44 -0.43 -18.21 14.37
C ASP A 44 -0.39 -17.89 12.88
N LYS A 45 -0.50 -16.59 12.55
CA LYS A 45 -0.39 -16.15 11.17
C LYS A 45 0.95 -16.51 10.56
N CYS A 46 2.03 -16.31 11.32
CA CYS A 46 3.37 -16.49 10.76
C CYS A 46 3.65 -17.95 10.44
N TYR A 47 3.12 -18.87 11.26
CA TYR A 47 3.33 -20.28 10.99
C TYR A 47 2.52 -20.74 9.78
N ALA A 48 1.30 -20.22 9.64
CA ALA A 48 0.49 -20.53 8.47
C ALA A 48 1.18 -20.06 7.20
N ILE A 49 1.84 -18.90 7.24
CA ILE A 49 2.65 -18.46 6.11
C ILE A 49 3.84 -19.39 5.92
N LYS A 50 4.63 -19.59 6.99
CA LYS A 50 5.73 -20.54 6.97
C LYS A 50 5.27 -21.87 6.41
N GLU A 51 4.30 -22.51 7.06
CA GLU A 51 3.85 -23.83 6.63
C GLU A 51 3.34 -23.82 5.18
N SER A 52 2.73 -22.71 4.74
CA SER A 52 2.22 -22.65 3.37
C SER A 52 3.36 -22.60 2.37
N MET A 53 4.30 -21.67 2.55
CA MET A 53 5.44 -21.56 1.63
C MET A 53 6.12 -22.91 1.45
N LEU A 54 6.34 -23.63 2.54
CA LEU A 54 6.95 -24.96 2.42
C LEU A 54 6.07 -25.86 1.57
N LYS A 55 4.75 -25.77 1.73
CA LYS A 55 3.85 -26.55 0.87
C LYS A 55 3.91 -26.07 -0.58
N LYS A 56 4.15 -24.77 -0.80
CA LYS A 56 4.24 -24.24 -2.16
C LYS A 56 5.60 -24.49 -2.79
N GLY A 57 6.62 -24.83 -1.99
CA GLY A 57 7.94 -25.12 -2.51
C GLY A 57 8.91 -23.97 -2.45
N LEU A 58 8.62 -22.96 -1.64
CA LEU A 58 9.30 -21.67 -1.71
C LEU A 58 10.40 -21.53 -0.67
N GLY A 59 10.89 -22.62 -0.15
CA GLY A 59 12.02 -22.47 0.76
C GLY A 59 11.54 -22.41 2.17
N GLU A 60 12.13 -21.54 2.98
CA GLU A 60 11.83 -21.62 4.40
C GLU A 60 12.21 -20.32 5.09
N ILE A 61 11.41 -19.95 6.09
CA ILE A 61 11.48 -18.62 6.66
C ILE A 61 11.61 -18.71 8.17
N GLY A 62 12.13 -17.63 8.75
CA GLY A 62 12.16 -17.49 10.19
C GLY A 62 10.90 -16.79 10.70
N VAL A 63 10.26 -17.39 11.69
CA VAL A 63 9.16 -16.77 12.43
C VAL A 63 9.71 -16.35 13.80
N GLU A 64 9.45 -15.11 14.18
CA GLU A 64 9.90 -14.59 15.47
C GLU A 64 8.91 -13.49 15.86
N GLN A 65 8.17 -13.72 16.95
CA GLN A 65 7.20 -12.74 17.44
C GLN A 65 7.89 -11.48 17.96
N VAL A 66 7.16 -10.38 17.93
CA VAL A 66 7.61 -9.09 18.44
C VAL A 66 6.39 -8.18 18.43
N ASP A 67 6.34 -7.24 19.36
CA ASP A 67 5.29 -6.23 19.43
C ASP A 67 5.88 -4.95 18.86
N ALA A 68 5.65 -4.73 17.56
CA ALA A 68 6.24 -3.61 16.82
C ALA A 68 5.95 -2.24 17.43
N ASP A 69 5.09 -2.15 18.44
CA ASP A 69 4.86 -0.85 19.07
C ASP A 69 6.03 -0.46 19.98
N ASP A 70 6.79 -1.44 20.50
CA ASP A 70 7.87 -1.20 21.44
C ASP A 70 9.22 -1.16 20.72
N THR A 71 9.76 0.05 20.54
CA THR A 71 10.96 0.25 19.72
C THR A 71 12.14 -0.57 20.20
N GLN A 72 12.26 -0.79 21.51
CA GLN A 72 13.40 -1.54 22.04
C GLN A 72 13.43 -2.96 21.50
N ALA A 73 12.26 -3.64 21.48
CA ALA A 73 12.24 -5.03 21.06
C ALA A 73 12.56 -5.16 19.56
N LEU A 74 12.28 -4.11 18.79
CA LEU A 74 12.65 -4.08 17.37
C LEU A 74 14.16 -3.98 17.20
N VAL A 75 14.76 -2.93 17.78
CA VAL A 75 16.20 -2.78 17.90
C VAL A 75 16.80 -4.13 18.29
N ALA A 76 16.15 -4.80 19.24
CA ALA A 76 16.56 -6.13 19.67
C ALA A 76 16.45 -7.15 18.53
N LEU A 77 15.33 -7.11 17.80
CA LEU A 77 15.17 -8.07 16.71
C LEU A 77 16.02 -7.69 15.50
N ILE A 78 16.21 -6.39 15.25
CA ILE A 78 16.99 -5.95 14.10
C ILE A 78 18.42 -6.44 14.23
N GLN A 79 19.06 -6.11 15.35
CA GLN A 79 20.46 -6.52 15.55
C GLN A 79 20.59 -8.02 15.75
N LYS A 80 19.52 -8.71 16.18
CA LYS A 80 19.61 -10.17 16.29
C LYS A 80 19.87 -10.83 14.93
N TYR A 81 19.33 -10.26 13.84
CA TYR A 81 19.56 -10.81 12.51
C TYR A 81 20.25 -9.85 11.54
N LYS A 82 20.48 -8.58 11.95
CA LYS A 82 21.14 -7.52 11.20
C LYS A 82 20.81 -7.63 9.72
N PRO A 83 19.64 -7.16 9.32
CA PRO A 83 19.18 -7.41 7.94
C PRO A 83 19.41 -6.18 7.08
N LYS A 84 19.31 -6.36 5.75
CA LYS A 84 19.60 -5.23 4.88
C LYS A 84 18.44 -4.26 4.84
N VAL A 85 17.19 -4.76 4.92
CA VAL A 85 15.99 -3.93 4.86
C VAL A 85 14.94 -4.51 5.78
N VAL A 86 14.10 -3.65 6.35
CA VAL A 86 12.95 -4.07 7.14
C VAL A 86 11.69 -3.61 6.40
N ILE A 87 10.74 -4.52 6.21
CA ILE A 87 9.50 -4.21 5.52
C ILE A 87 8.39 -4.09 6.56
N ASN A 88 7.81 -2.88 6.64
CA ASN A 88 6.69 -2.59 7.51
C ASN A 88 5.41 -2.88 6.73
N VAL A 89 4.80 -4.04 7.00
CA VAL A 89 3.49 -4.33 6.45
C VAL A 89 2.54 -4.66 7.60
N ALA A 90 2.82 -4.08 8.75
CA ALA A 90 1.85 -4.04 9.84
C ALA A 90 0.97 -2.82 9.62
N LEU A 91 0.28 -2.38 10.67
CA LEU A 91 -0.68 -1.31 10.54
C LEU A 91 0.04 0.04 10.50
N PRO A 92 -0.57 1.08 9.94
CA PRO A 92 0.13 2.39 9.88
C PRO A 92 0.47 2.99 11.24
N TYR A 93 -0.06 2.45 12.34
CA TYR A 93 0.26 2.97 13.67
C TYR A 93 1.73 2.75 13.99
N GLN A 94 2.26 1.59 13.60
CA GLN A 94 3.62 1.16 13.87
C GLN A 94 4.63 1.82 12.95
N ASP A 95 4.21 2.77 12.14
CA ASP A 95 5.13 3.39 11.20
C ASP A 95 6.27 4.06 11.92
N LEU A 96 5.97 4.90 12.91
CA LEU A 96 7.01 5.68 13.57
C LEU A 96 7.87 4.81 14.49
N THR A 97 7.24 3.87 15.20
CA THR A 97 8.00 2.99 16.10
C THR A 97 8.95 2.08 15.31
N ILE A 98 8.55 1.61 14.14
CA ILE A 98 9.46 0.78 13.34
C ILE A 98 10.46 1.65 12.62
N MET A 99 10.04 2.80 12.13
CA MET A 99 10.94 3.72 11.45
C MET A 99 12.02 4.24 12.38
N GLN A 100 11.72 4.37 13.68
CA GLN A 100 12.73 4.80 14.64
C GLN A 100 13.75 3.70 14.91
N ALA A 101 13.27 2.47 15.15
CA ALA A 101 14.16 1.33 15.34
C ALA A 101 15.02 1.06 14.12
N CYS A 102 14.62 1.53 12.95
CA CYS A 102 15.52 1.42 11.80
C CYS A 102 16.66 2.42 11.93
N LEU A 103 16.36 3.66 12.30
CA LEU A 103 17.41 4.65 12.47
C LEU A 103 18.38 4.24 13.56
N GLU A 104 17.83 3.80 14.70
CA GLU A 104 18.68 3.41 15.83
C GLU A 104 19.63 2.27 15.46
N THR A 105 19.24 1.41 14.52
CA THR A 105 20.13 0.34 14.07
C THR A 105 20.74 0.59 12.71
N LYS A 106 20.60 1.80 12.17
CA LYS A 106 21.04 2.18 10.82
C LYS A 106 20.71 1.07 9.80
N THR A 107 19.41 0.86 9.60
CA THR A 107 18.91 -0.15 8.68
C THR A 107 17.92 0.51 7.73
N HIS A 108 17.55 -0.22 6.67
CA HIS A 108 16.73 0.30 5.58
C HIS A 108 15.27 -0.07 5.80
N TYR A 109 14.38 0.89 5.53
CA TYR A 109 12.96 0.81 5.87
C TYR A 109 12.11 1.08 4.64
N ILE A 110 11.07 0.27 4.45
CA ILE A 110 10.03 0.54 3.47
C ILE A 110 8.69 0.22 4.10
N ASP A 111 7.69 1.07 3.86
CA ASP A 111 6.32 0.77 4.27
C ASP A 111 5.41 0.87 3.05
N THR A 112 4.14 0.52 3.25
CA THR A 112 3.11 0.68 2.24
C THR A 112 2.01 1.63 2.65
N ALA A 113 2.17 2.38 3.75
CA ALA A 113 1.07 3.23 4.18
C ALA A 113 1.59 4.40 4.98
N ASN A 114 0.86 5.52 4.88
CA ASN A 114 1.10 6.75 5.63
C ASN A 114 1.11 6.48 7.12
N TYR A 115 1.50 7.51 7.89
CA TYR A 115 1.34 7.46 9.35
C TYR A 115 -0.06 7.91 9.76
N GLU A 116 -0.61 7.23 10.76
CA GLU A 116 -1.98 7.44 11.19
C GLU A 116 -2.06 7.09 12.68
N HIS A 117 -2.60 8.03 13.51
CA HIS A 117 -2.66 7.80 14.96
C HIS A 117 -3.99 7.20 15.32
N PRO A 118 -4.05 6.16 16.18
CA PRO A 118 -5.36 5.50 16.45
C PRO A 118 -6.48 6.44 16.92
N ASP A 119 -6.14 7.56 17.54
CA ASP A 119 -7.12 8.48 18.11
C ASP A 119 -7.49 9.61 17.17
N LEU A 120 -7.04 9.54 15.92
CA LEU A 120 -7.43 10.50 14.89
C LEU A 120 -7.39 9.80 13.53
N ALA A 121 -8.32 10.18 12.67
CA ALA A 121 -8.33 9.66 11.31
C ALA A 121 -7.72 10.66 10.35
N LYS A 122 -6.43 10.98 10.58
CA LYS A 122 -5.68 11.88 9.72
C LYS A 122 -4.60 11.12 8.95
N PHE A 123 -4.41 11.48 7.67
CA PHE A 123 -3.39 10.90 6.80
C PHE A 123 -2.37 11.97 6.48
N GLU A 124 -1.10 11.71 6.77
CA GLU A 124 -0.11 12.76 6.53
C GLU A 124 1.29 12.18 6.51
N TYR A 125 2.07 12.60 5.51
CA TYR A 125 3.43 12.11 5.43
C TYR A 125 4.37 12.82 6.40
N LYS A 126 3.99 13.99 6.94
CA LYS A 126 4.98 14.87 7.57
C LYS A 126 5.62 14.23 8.81
N GLU A 127 4.90 13.33 9.49
CA GLU A 127 5.46 12.62 10.63
C GLU A 127 6.61 11.70 10.20
N GLN A 128 6.46 11.05 9.04
CA GLN A 128 7.52 10.20 8.51
C GLN A 128 8.56 11.02 7.75
N TRP A 129 8.12 12.07 7.07
CA TRP A 129 9.04 12.94 6.34
C TRP A 129 10.05 13.60 7.27
N ALA A 130 9.67 13.86 8.52
CA ALA A 130 10.57 14.50 9.46
C ALA A 130 11.90 13.77 9.59
N PHE A 131 11.92 12.48 9.26
CA PHE A 131 13.13 11.69 9.39
C PHE A 131 14.16 11.92 8.26
N ASP A 132 13.97 12.91 7.37
CA ASP A 132 14.86 13.03 6.22
C ASP A 132 16.26 13.47 6.64
N ARG A 133 16.35 14.45 7.55
CA ARG A 133 17.66 14.83 8.06
C ARG A 133 18.32 13.66 8.77
N ALA A 134 17.60 13.04 9.71
CA ALA A 134 18.14 11.94 10.51
C ALA A 134 18.59 10.77 9.66
N TYR A 135 17.98 10.59 8.48
CA TYR A 135 18.22 9.41 7.67
C TYR A 135 19.36 9.64 6.68
N LYS A 136 19.35 10.80 6.00
CA LYS A 136 20.51 11.19 5.21
C LYS A 136 21.77 11.12 6.06
N GLU A 137 21.64 11.53 7.33
CA GLU A 137 22.78 11.52 8.25
C GLU A 137 23.25 10.09 8.55
N ALA A 138 22.34 9.23 9.00
CA ALA A 138 22.71 7.83 9.27
C ALA A 138 22.96 7.03 8.01
N ARG A 139 23.01 7.72 6.87
CA ARG A 139 23.30 7.11 5.58
C ARG A 139 22.46 5.85 5.37
N ILE A 140 21.14 6.04 5.41
CA ILE A 140 20.17 4.99 5.11
C ILE A 140 19.07 5.57 4.21
N LEU A 141 18.08 4.73 3.95
CA LEU A 141 17.00 5.00 3.00
C LEU A 141 15.67 4.55 3.59
N GLY A 142 14.66 5.42 3.53
CA GLY A 142 13.30 5.03 3.83
C GLY A 142 12.33 5.30 2.69
N VAL A 143 11.90 4.26 1.97
CA VAL A 143 11.02 4.41 0.81
C VAL A 143 9.57 4.34 1.29
N LEU A 144 8.85 5.43 1.16
CA LEU A 144 7.54 5.55 1.76
C LEU A 144 6.45 5.18 0.77
N GLY A 145 5.52 4.34 1.23
CA GLY A 145 4.34 3.99 0.48
C GLY A 145 4.73 3.23 -0.76
N ALA A 146 5.14 1.98 -0.58
CA ALA A 146 5.52 1.16 -1.72
C ALA A 146 4.57 0.00 -1.84
N GLY A 147 3.28 0.30 -1.90
CA GLY A 147 2.25 -0.63 -2.29
C GLY A 147 1.86 -0.42 -3.73
N PHE A 148 0.60 -0.72 -4.06
CA PHE A 148 0.16 -0.34 -5.38
C PHE A 148 -0.32 1.10 -5.39
N ASP A 149 -1.26 1.42 -4.52
CA ASP A 149 -1.67 2.80 -4.30
C ASP A 149 -1.74 3.04 -2.80
N PRO A 150 -0.73 3.69 -2.20
CA PRO A 150 0.33 4.38 -2.96
C PRO A 150 1.51 3.48 -3.35
N GLY A 151 2.29 3.93 -4.32
CA GLY A 151 3.50 3.22 -4.67
C GLY A 151 3.63 3.06 -6.16
N VAL A 152 3.05 1.98 -6.68
CA VAL A 152 3.06 1.72 -8.12
C VAL A 152 2.38 2.86 -8.86
N THR A 153 1.32 3.42 -8.29
CA THR A 153 0.68 4.54 -8.98
C THR A 153 1.64 5.71 -9.06
N ASN A 154 2.36 5.99 -7.98
CA ASN A 154 3.43 6.98 -8.03
C ASN A 154 4.42 6.63 -9.15
N ALA A 155 4.88 5.38 -9.15
CA ALA A 155 5.76 4.91 -10.21
C ALA A 155 5.17 5.15 -11.60
N TYR A 156 3.87 4.90 -11.78
CA TYR A 156 3.27 5.14 -13.09
C TYR A 156 3.40 6.61 -13.47
N VAL A 157 3.05 7.49 -12.53
CA VAL A 157 3.19 8.93 -12.78
C VAL A 157 4.65 9.30 -12.99
N ALA A 158 5.52 8.83 -12.09
CA ALA A 158 6.95 8.98 -12.29
C ALA A 158 7.34 8.54 -13.70
N HIS A 159 6.94 7.33 -14.07
CA HIS A 159 7.29 6.78 -15.37
C HIS A 159 6.76 7.64 -16.50
N ALA A 160 5.55 8.18 -16.37
CA ALA A 160 5.03 9.06 -17.41
C ALA A 160 5.87 10.31 -17.51
N GLN A 161 6.21 10.89 -16.37
CA GLN A 161 6.95 12.15 -16.32
C GLN A 161 8.25 12.05 -17.10
N ARG A 162 8.91 10.91 -17.05
CA ARG A 162 10.17 10.75 -17.77
C ARG A 162 9.94 10.50 -19.25
N HIS A 163 9.12 9.51 -19.56
CA HIS A 163 9.08 8.92 -20.89
C HIS A 163 8.00 9.49 -21.82
N HIS A 164 6.95 10.09 -21.31
CA HIS A 164 5.86 10.46 -22.19
C HIS A 164 5.46 11.92 -22.12
N PHE A 165 5.77 12.63 -21.04
CA PHE A 165 5.24 13.97 -20.83
C PHE A 165 6.36 14.96 -20.59
N ASP A 166 6.20 16.16 -21.16
CA ASP A 166 6.99 17.30 -20.73
C ASP A 166 6.43 17.89 -19.44
N THR A 167 5.12 18.12 -19.38
CA THR A 167 4.48 18.57 -18.16
C THR A 167 3.13 17.88 -18.00
N ILE A 168 2.89 17.33 -16.82
CA ILE A 168 1.65 16.61 -16.54
C ILE A 168 0.67 17.61 -15.94
N HIS A 169 -0.35 17.98 -16.71
CA HIS A 169 -1.34 18.93 -16.22
C HIS A 169 -2.31 18.30 -15.23
N THR A 170 -2.93 17.17 -15.59
CA THR A 170 -3.88 16.53 -14.67
C THR A 170 -3.50 15.08 -14.40
N LEU A 171 -3.90 14.62 -13.22
CA LEU A 171 -3.71 13.25 -12.75
C LEU A 171 -5.02 12.81 -12.13
N ASP A 172 -5.52 11.66 -12.59
CA ASP A 172 -6.62 10.97 -11.93
C ASP A 172 -6.15 9.54 -11.69
N ILE A 173 -6.08 9.15 -10.43
CA ILE A 173 -5.83 7.76 -10.07
C ILE A 173 -7.18 7.07 -9.95
N LEU A 174 -7.30 5.89 -10.56
CA LEU A 174 -8.56 5.16 -10.62
C LEU A 174 -8.34 3.74 -10.14
N ASP A 175 -9.09 3.35 -9.12
CA ASP A 175 -8.96 2.07 -8.44
C ASP A 175 -10.32 1.40 -8.47
N CYS A 176 -10.41 0.31 -9.21
CA CYS A 176 -11.62 -0.52 -9.25
C CYS A 176 -11.32 -1.92 -8.74
N ASN A 177 -12.09 -2.38 -7.77
CA ASN A 177 -12.05 -3.78 -7.35
C ASN A 177 -13.40 -4.40 -7.65
N ALA A 178 -13.47 -5.14 -8.76
CA ALA A 178 -14.70 -5.78 -9.20
C ALA A 178 -14.78 -7.22 -8.74
N GLY A 179 -14.06 -7.57 -7.68
CA GLY A 179 -14.11 -8.93 -7.18
C GLY A 179 -15.43 -9.26 -6.50
N ASP A 180 -15.66 -10.55 -6.33
CA ASP A 180 -16.81 -11.08 -5.60
C ASP A 180 -16.26 -12.02 -4.53
N HIS A 181 -16.26 -11.58 -3.28
CA HIS A 181 -15.82 -12.44 -2.18
C HIS A 181 -16.91 -13.38 -1.69
N LYS A 182 -18.08 -13.33 -2.30
CA LYS A 182 -19.13 -14.32 -2.12
C LYS A 182 -19.81 -14.20 -0.75
N ARG A 183 -19.46 -13.14 0.09
CA ARG A 183 -20.08 -12.83 1.38
C ARG A 183 -20.95 -11.60 1.29
N PRO A 184 -21.94 -11.48 2.19
CA PRO A 184 -22.81 -10.29 2.19
C PRO A 184 -22.06 -8.96 2.33
N PHE A 185 -21.08 -8.84 3.24
CA PHE A 185 -20.27 -7.64 3.36
C PHE A 185 -18.89 -7.96 3.92
N ALA A 186 -17.84 -7.54 3.20
CA ALA A 186 -16.47 -7.76 3.64
C ALA A 186 -15.58 -6.72 2.97
N THR A 187 -14.32 -6.65 3.42
CA THR A 187 -13.46 -5.54 3.08
C THR A 187 -12.24 -5.98 2.28
N ASN A 188 -11.68 -5.03 1.51
CA ASN A 188 -10.45 -5.24 0.76
C ASN A 188 -9.35 -5.79 1.66
N PHE A 189 -8.96 -5.00 2.66
CA PHE A 189 -7.91 -5.37 3.60
C PHE A 189 -8.49 -5.18 5.00
N ASN A 190 -7.61 -4.96 6.00
CA ASN A 190 -7.95 -4.78 7.41
C ASN A 190 -9.09 -3.79 7.50
N PRO A 191 -10.24 -4.18 8.09
CA PRO A 191 -11.42 -3.30 8.04
C PRO A 191 -11.26 -2.01 8.85
N GLU A 192 -10.49 -2.03 9.94
CA GLU A 192 -10.32 -0.84 10.76
C GLU A 192 -9.68 0.29 9.97
N ILE A 193 -8.68 -0.01 9.12
CA ILE A 193 -7.98 1.04 8.38
C ILE A 193 -8.72 1.40 7.10
N ASN A 194 -9.15 0.38 6.34
CA ASN A 194 -9.95 0.59 5.14
C ASN A 194 -11.12 1.52 5.42
N LEU A 195 -11.94 1.18 6.42
CA LEU A 195 -13.17 1.92 6.67
C LEU A 195 -12.93 3.26 7.33
N ARG A 196 -11.82 3.44 8.04
CA ARG A 196 -11.44 4.79 8.43
C ARG A 196 -11.17 5.64 7.19
N GLU A 197 -10.47 5.07 6.22
CA GLU A 197 -10.08 5.82 5.02
C GLU A 197 -11.31 6.28 4.24
N VAL A 198 -12.19 5.33 3.89
CA VAL A 198 -13.18 5.65 2.87
C VAL A 198 -14.26 6.59 3.41
N SER A 199 -14.57 6.51 4.71
CA SER A 199 -15.63 7.32 5.31
C SER A 199 -15.18 8.73 5.69
N SER A 200 -13.93 9.09 5.39
CA SER A 200 -13.44 10.44 5.65
C SER A 200 -13.84 11.40 4.52
N LYS A 201 -13.97 12.67 4.87
CA LYS A 201 -14.15 13.73 3.91
C LYS A 201 -13.09 13.64 2.82
N GLY A 202 -13.52 13.37 1.57
CA GLY A 202 -12.60 13.30 0.46
C GLY A 202 -11.97 14.65 0.14
N ARG A 203 -10.85 14.60 -0.61
CA ARG A 203 -9.97 15.76 -0.74
C ARG A 203 -9.22 15.66 -2.06
N TYR A 204 -9.02 16.79 -2.73
CA TYR A 204 -8.31 16.77 -4.02
C TYR A 204 -7.63 18.11 -4.26
N TYR A 205 -6.61 18.11 -5.11
CA TYR A 205 -5.83 19.31 -5.41
C TYR A 205 -6.19 19.87 -6.78
N GLU A 206 -6.50 21.16 -6.85
CA GLU A 206 -6.63 21.86 -8.11
C GLU A 206 -6.23 23.32 -7.93
N ASN A 207 -5.42 23.82 -8.88
CA ASN A 207 -5.00 25.22 -8.95
C ASN A 207 -4.48 25.71 -7.61
N GLY A 208 -3.55 24.98 -7.05
CA GLY A 208 -2.83 25.48 -5.89
C GLY A 208 -3.48 25.12 -4.57
N LYS A 209 -4.79 25.28 -4.47
CA LYS A 209 -5.49 25.01 -3.22
C LYS A 209 -6.11 23.62 -3.27
N TRP A 210 -6.16 22.98 -2.10
CA TRP A 210 -6.87 21.72 -1.90
C TRP A 210 -8.34 21.98 -1.61
N ILE A 211 -9.20 21.14 -2.19
CA ILE A 211 -10.65 21.21 -2.03
C ILE A 211 -11.09 20.03 -1.18
N GLU A 212 -12.10 20.23 -0.35
CA GLU A 212 -12.67 19.12 0.42
C GLU A 212 -14.09 18.82 -0.08
N THR A 213 -14.53 17.58 0.16
CA THR A 213 -15.89 17.17 -0.16
C THR A 213 -16.38 16.26 0.95
N LYS A 214 -17.71 16.22 1.11
CA LYS A 214 -18.33 15.27 2.02
C LYS A 214 -17.98 13.87 1.55
N PRO A 215 -17.96 12.87 2.45
CA PRO A 215 -17.51 11.54 2.04
C PRO A 215 -18.22 11.01 0.82
N LEU A 216 -17.46 10.64 -0.20
CA LEU A 216 -18.02 10.07 -1.42
C LEU A 216 -19.03 10.99 -2.07
N GLU A 217 -18.76 12.30 -2.02
CA GLU A 217 -19.70 13.26 -2.58
C GLU A 217 -19.67 13.23 -4.09
N ILE A 218 -18.48 13.16 -4.67
CA ILE A 218 -18.31 13.28 -6.11
C ILE A 218 -18.19 11.90 -6.71
N LYS A 219 -18.71 11.72 -7.92
CA LYS A 219 -18.76 10.41 -8.53
C LYS A 219 -18.81 10.54 -10.05
N GLN A 220 -17.89 9.85 -10.73
CA GLN A 220 -17.90 9.71 -12.17
C GLN A 220 -18.08 8.23 -12.50
N VAL A 221 -18.61 7.97 -13.70
CA VAL A 221 -18.60 6.63 -14.27
C VAL A 221 -17.37 6.49 -15.17
N TRP A 222 -16.63 5.41 -14.99
CA TRP A 222 -15.37 5.22 -15.69
C TRP A 222 -15.36 3.81 -16.27
N ALA A 223 -14.82 3.68 -17.46
CA ALA A 223 -14.79 2.38 -18.10
C ALA A 223 -13.45 1.74 -17.78
N TYR A 224 -13.47 0.66 -16.99
CA TYR A 224 -12.26 -0.03 -16.60
C TYR A 224 -11.99 -1.18 -17.55
N PRO A 225 -10.90 -1.13 -18.30
CA PRO A 225 -10.52 -2.25 -19.18
C PRO A 225 -10.61 -3.59 -18.49
N GLN A 226 -11.26 -4.55 -19.16
CA GLN A 226 -11.42 -5.95 -18.75
C GLN A 226 -12.48 -6.13 -17.68
N ILE A 227 -13.16 -5.04 -17.33
CA ILE A 227 -14.24 -5.05 -16.36
C ILE A 227 -15.49 -4.45 -16.98
N GLY A 228 -15.56 -3.12 -17.11
CA GLY A 228 -16.75 -2.42 -17.59
C GLY A 228 -16.87 -1.03 -16.98
N GLU A 229 -18.04 -0.42 -17.14
CA GLU A 229 -18.27 0.91 -16.59
C GLU A 229 -18.74 0.76 -15.15
N MET A 230 -18.14 1.54 -14.26
CA MET A 230 -18.30 1.45 -12.82
C MET A 230 -18.40 2.84 -12.22
N ASP A 231 -19.35 2.99 -11.30
CA ASP A 231 -19.41 4.17 -10.44
C ASP A 231 -18.12 4.31 -9.65
N SER A 232 -17.41 5.43 -9.85
CA SER A 232 -16.13 5.68 -9.20
C SER A 232 -16.21 6.95 -8.35
N TYR A 233 -16.08 6.80 -7.04
CA TYR A 233 -16.28 7.91 -6.10
C TYR A 233 -14.94 8.54 -5.71
N LEU A 234 -14.97 9.83 -5.42
CA LEU A 234 -13.76 10.60 -5.18
C LEU A 234 -13.36 10.54 -3.72
N LEU A 235 -12.07 10.28 -3.51
CA LEU A 235 -11.48 10.11 -2.21
C LEU A 235 -10.18 10.89 -2.15
N TYR A 236 -9.80 11.29 -0.93
CA TYR A 236 -8.41 11.60 -0.68
C TYR A 236 -7.66 10.27 -0.62
N HIS A 237 -6.43 10.27 -1.11
CA HIS A 237 -5.53 9.13 -0.94
C HIS A 237 -4.12 9.67 -0.72
N GLU A 238 -3.32 8.90 0.02
CA GLU A 238 -2.01 9.34 0.47
C GLU A 238 -1.15 9.90 -0.66
N GLU A 239 -1.12 9.21 -1.81
CA GLU A 239 -0.15 9.57 -2.86
C GLU A 239 -0.33 10.98 -3.38
N LEU A 240 -1.53 11.54 -3.25
CA LEU A 240 -1.72 12.91 -3.73
C LEU A 240 -0.85 13.89 -2.97
N GLU A 241 -0.65 13.67 -1.66
CA GLU A 241 0.23 14.54 -0.88
C GLU A 241 1.62 14.59 -1.51
N SER A 242 2.28 13.44 -1.61
CA SER A 242 3.64 13.43 -2.16
C SER A 242 3.66 13.86 -3.62
N LEU A 243 2.69 13.43 -4.42
CA LEU A 243 2.77 13.67 -5.86
C LEU A 243 2.54 15.14 -6.23
N VAL A 244 1.70 15.87 -5.48
CA VAL A 244 1.51 17.30 -5.78
C VAL A 244 2.80 18.05 -5.51
N LYS A 245 3.50 17.69 -4.43
CA LYS A 245 4.78 18.30 -4.10
C LYS A 245 5.84 17.97 -5.15
N ASN A 246 5.82 16.74 -5.66
CA ASN A 246 6.95 16.21 -6.41
C ASN A 246 6.77 16.30 -7.92
N ILE A 247 5.57 16.42 -8.45
CA ILE A 247 5.36 16.52 -9.89
C ILE A 247 4.95 17.96 -10.20
N LYS A 248 5.88 18.69 -10.83
CA LYS A 248 5.64 20.08 -11.15
C LYS A 248 4.79 20.19 -12.41
N GLY A 249 3.95 21.22 -12.42
CA GLY A 249 3.00 21.45 -13.49
C GLY A 249 1.56 21.15 -13.13
N LEU A 250 1.32 20.45 -12.01
CA LEU A 250 0.03 19.81 -11.77
C LEU A 250 -1.07 20.85 -11.55
N ARG A 251 -2.13 20.76 -12.34
CA ARG A 251 -3.30 21.61 -12.27
C ARG A 251 -4.48 20.97 -11.56
N ARG A 252 -4.62 19.65 -11.61
CA ARG A 252 -5.68 18.96 -10.89
C ARG A 252 -5.22 17.54 -10.61
N ALA A 253 -5.37 17.09 -9.36
CA ALA A 253 -4.94 15.73 -8.98
C ALA A 253 -5.98 15.10 -8.08
N ARG A 254 -6.60 14.01 -8.56
CA ARG A 254 -7.74 13.39 -7.90
C ARG A 254 -7.53 11.89 -7.75
N PHE A 255 -8.24 11.29 -6.82
CA PHE A 255 -8.24 9.85 -6.67
C PHE A 255 -9.68 9.37 -6.60
N PHE A 256 -10.01 8.34 -7.39
CA PHE A 256 -11.35 7.76 -7.43
C PHE A 256 -11.29 6.28 -7.12
N MET A 257 -12.32 5.79 -6.44
CA MET A 257 -12.43 4.37 -6.13
C MET A 257 -13.85 3.94 -6.40
N THR A 258 -14.01 2.69 -6.82
CA THR A 258 -15.34 2.16 -7.07
C THR A 258 -15.85 1.54 -5.80
N PHE A 259 -17.12 1.82 -5.47
CA PHE A 259 -17.84 1.11 -4.42
C PHE A 259 -19.21 0.67 -4.94
N SER A 260 -19.64 -0.54 -4.56
CA SER A 260 -21.00 -0.96 -4.93
C SER A 260 -22.02 -0.31 -4.04
N GLN A 261 -23.27 -0.26 -4.52
CA GLN A 261 -24.36 0.18 -3.66
C GLN A 261 -24.41 -0.65 -2.38
N ASN A 262 -24.31 -1.97 -2.51
CA ASN A 262 -24.40 -2.82 -1.34
C ASN A 262 -23.32 -2.48 -0.32
N TYR A 263 -22.10 -2.27 -0.79
CA TYR A 263 -21.06 -1.87 0.15
C TYR A 263 -21.38 -0.53 0.77
N LEU A 264 -21.77 0.43 -0.06
CA LEU A 264 -21.98 1.78 0.46
C LEU A 264 -23.12 1.81 1.45
N THR A 265 -24.09 0.90 1.32
CA THR A 265 -25.22 0.87 2.24
C THR A 265 -24.81 0.33 3.60
N HIS A 266 -24.28 -0.89 3.62
CA HIS A 266 -23.68 -1.41 4.84
C HIS A 266 -22.83 -0.37 5.55
N MET A 267 -22.01 0.35 4.81
CA MET A 267 -21.13 1.31 5.44
C MET A 267 -21.90 2.49 6.02
N LYS A 268 -22.97 2.93 5.36
CA LYS A 268 -23.75 4.06 5.91
C LYS A 268 -24.59 3.60 7.10
N CYS A 269 -25.01 2.33 7.12
CA CYS A 269 -25.71 1.82 8.29
C CYS A 269 -24.79 1.75 9.49
N LEU A 270 -23.67 1.02 9.34
CA LEU A 270 -22.73 0.87 10.44
C LEU A 270 -22.31 2.23 10.98
N GLU A 271 -22.10 3.18 10.08
CA GLU A 271 -21.80 4.54 10.50
C GLU A 271 -22.92 5.11 11.35
N ASN A 272 -24.15 4.79 11.00
CA ASN A 272 -25.29 5.41 11.67
C ASN A 272 -25.42 4.95 13.12
N VAL A 273 -25.19 3.67 13.37
CA VAL A 273 -25.32 3.14 14.72
C VAL A 273 -24.07 3.37 15.57
N GLY A 274 -22.96 3.78 14.96
CA GLY A 274 -21.74 4.08 15.67
C GLY A 274 -20.66 3.03 15.58
N MET A 275 -20.77 2.10 14.64
CA MET A 275 -19.82 1.01 14.52
C MET A 275 -18.53 1.42 13.85
N LEU A 276 -18.47 2.65 13.32
CA LEU A 276 -17.24 3.13 12.73
C LEU A 276 -16.53 4.12 13.63
N GLY A 277 -16.80 4.08 14.94
CA GLY A 277 -16.26 5.06 15.85
C GLY A 277 -14.86 4.70 16.31
N ILE A 278 -13.98 5.70 16.31
CA ILE A 278 -12.60 5.52 16.74
C ILE A 278 -12.41 5.78 18.23
N LYS A 279 -13.33 6.52 18.87
CA LYS A 279 -13.27 6.78 20.30
C LYS A 279 -13.91 5.63 21.07
N GLU A 280 -13.27 5.23 22.16
CA GLU A 280 -13.76 4.10 22.92
C GLU A 280 -14.99 4.47 23.75
N ILE A 281 -15.74 3.45 24.16
CA ILE A 281 -17.04 3.64 24.82
C ILE A 281 -17.25 2.48 25.79
N GLU A 282 -17.73 2.81 27.00
CA GLU A 282 -17.85 1.83 28.07
C GLU A 282 -19.05 0.91 27.82
N HIS A 283 -18.83 -0.40 28.00
CA HIS A 283 -19.87 -1.43 27.86
C HIS A 283 -19.63 -2.48 28.92
N GLN A 284 -20.52 -2.55 29.90
CA GLN A 284 -20.39 -3.51 31.00
C GLN A 284 -19.00 -3.44 31.62
N GLY A 285 -18.62 -2.21 31.98
CA GLY A 285 -17.34 -1.94 32.57
C GLY A 285 -16.28 -1.66 31.52
N VAL A 286 -16.10 -2.65 30.63
CA VAL A 286 -15.02 -2.63 29.65
C VAL A 286 -15.19 -1.44 28.70
N LYS A 287 -14.04 -0.90 28.25
CA LYS A 287 -14.02 0.22 27.32
C LYS A 287 -13.61 -0.33 25.95
N ILE A 288 -14.48 -0.14 24.95
CA ILE A 288 -14.37 -0.79 23.65
C ILE A 288 -14.45 0.25 22.54
N VAL A 289 -13.63 0.07 21.50
CA VAL A 289 -13.67 0.88 20.29
C VAL A 289 -14.55 0.16 19.28
N PRO A 290 -15.65 0.77 18.82
CA PRO A 290 -16.54 0.05 17.92
C PRO A 290 -15.85 -0.48 16.68
N ILE A 291 -15.15 0.38 15.94
CA ILE A 291 -14.63 -0.05 14.65
C ILE A 291 -13.64 -1.19 14.80
N GLN A 292 -12.88 -1.23 15.90
CA GLN A 292 -12.08 -2.41 16.20
C GLN A 292 -12.96 -3.64 16.34
N PHE A 293 -14.04 -3.52 17.10
CA PHE A 293 -14.96 -4.64 17.27
C PHE A 293 -15.57 -5.06 15.94
N LEU A 294 -15.81 -4.09 15.06
CA LEU A 294 -16.24 -4.44 13.72
C LEU A 294 -15.24 -5.37 13.05
N LYS A 295 -13.94 -5.06 13.21
CA LYS A 295 -12.87 -5.89 12.62
C LYS A 295 -12.84 -7.28 13.23
N THR A 296 -13.03 -7.37 14.54
CA THR A 296 -13.22 -8.66 15.21
C THR A 296 -14.38 -9.43 14.58
N LEU A 297 -15.48 -8.75 14.31
CA LEU A 297 -16.69 -9.43 13.90
C LEU A 297 -16.61 -9.87 12.45
N LEU A 298 -16.16 -8.98 11.57
CA LEU A 298 -16.07 -9.26 10.15
C LEU A 298 -15.06 -10.35 9.86
N PRO A 299 -15.26 -11.11 8.78
CA PRO A 299 -14.24 -12.07 8.36
C PRO A 299 -12.97 -11.31 8.01
N ASP A 300 -11.83 -11.77 8.55
CA ASP A 300 -10.70 -11.00 8.06
C ASP A 300 -10.33 -11.47 6.65
N PRO A 301 -9.79 -10.57 5.83
CA PRO A 301 -9.93 -10.74 4.38
C PRO A 301 -9.19 -11.93 3.82
N ALA A 302 -8.04 -12.28 4.40
CA ALA A 302 -7.26 -13.40 3.90
C ALA A 302 -8.13 -14.63 3.66
N THR A 303 -9.01 -14.94 4.64
CA THR A 303 -10.02 -16.00 4.61
C THR A 303 -10.79 -16.12 3.30
N LEU A 304 -10.97 -14.99 2.61
CA LEU A 304 -11.91 -14.95 1.50
C LEU A 304 -11.27 -15.22 0.16
N ALA A 305 -9.94 -15.21 0.07
CA ALA A 305 -9.28 -15.45 -1.20
C ALA A 305 -9.67 -16.81 -1.79
N LYS A 306 -9.94 -17.80 -0.93
CA LYS A 306 -10.26 -19.14 -1.39
C LYS A 306 -11.37 -19.13 -2.45
N ASP A 307 -12.39 -18.28 -2.27
CA ASP A 307 -13.55 -18.27 -3.15
C ASP A 307 -13.76 -16.94 -3.86
N THR A 308 -12.83 -15.99 -3.74
CA THR A 308 -12.99 -14.69 -4.39
C THR A 308 -12.69 -14.79 -5.87
N THR A 309 -13.63 -14.31 -6.70
CA THR A 309 -13.45 -14.25 -8.14
C THR A 309 -13.74 -12.83 -8.63
N GLY A 310 -13.17 -12.49 -9.78
CA GLY A 310 -13.21 -11.14 -10.30
C GLY A 310 -11.83 -10.67 -10.67
N LYS A 311 -11.77 -9.42 -11.14
CA LYS A 311 -10.48 -8.79 -11.46
C LYS A 311 -10.43 -7.42 -10.81
N THR A 312 -9.22 -6.87 -10.72
CA THR A 312 -9.04 -5.50 -10.27
C THR A 312 -8.36 -4.70 -11.38
N ASN A 313 -8.65 -3.40 -11.42
CA ASN A 313 -7.97 -2.51 -12.33
C ASN A 313 -7.58 -1.26 -11.55
N ILE A 314 -6.31 -0.93 -11.55
CA ILE A 314 -5.78 0.22 -10.82
C ILE A 314 -4.77 0.91 -11.71
N GLY A 315 -4.80 2.24 -11.75
CA GLY A 315 -3.89 2.95 -12.63
C GLY A 315 -4.11 4.44 -12.63
N CYS A 316 -3.51 5.10 -13.62
CA CYS A 316 -3.39 6.56 -13.62
C CYS A 316 -3.73 7.13 -14.98
N TYR A 317 -4.59 8.12 -14.98
CA TYR A 317 -5.04 8.78 -16.20
C TYR A 317 -4.52 10.20 -16.15
N MET A 318 -3.63 10.52 -17.06
CA MET A 318 -2.91 11.78 -17.01
C MET A 318 -3.10 12.54 -18.31
N THR A 319 -3.36 13.83 -18.21
CA THR A 319 -3.33 14.69 -19.38
C THR A 319 -2.18 15.67 -19.25
N GLY A 320 -1.57 16.03 -20.37
CA GLY A 320 -0.42 16.89 -20.32
C GLY A 320 -0.02 17.39 -21.67
N ILE A 321 1.27 17.72 -21.80
CA ILE A 321 1.80 18.33 -23.01
C ILE A 321 3.20 17.78 -23.23
N LYS A 322 3.51 17.39 -24.47
CA LYS A 322 4.85 16.96 -24.88
C LYS A 322 5.14 17.55 -26.25
N ASN A 323 6.17 18.39 -26.34
CA ASN A 323 6.56 19.07 -27.58
C ASN A 323 5.40 19.91 -28.13
N ASN A 324 4.99 20.90 -27.33
CA ASN A 324 3.87 21.80 -27.61
C ASN A 324 2.73 21.10 -28.33
N GLN A 325 2.42 19.87 -27.90
CA GLN A 325 1.24 19.16 -28.36
C GLN A 325 0.65 18.37 -27.21
N ASP A 326 -0.68 18.29 -27.16
CA ASP A 326 -1.41 17.66 -26.06
C ASP A 326 -1.37 16.15 -26.19
N LYS A 327 -1.27 15.46 -25.05
CA LYS A 327 -1.45 14.02 -25.06
C LYS A 327 -1.99 13.57 -23.71
N THR A 328 -2.78 12.49 -23.73
CA THR A 328 -3.28 11.83 -22.53
C THR A 328 -2.75 10.40 -22.49
N LEU A 329 -2.38 9.94 -21.29
CA LEU A 329 -1.83 8.62 -21.05
C LEU A 329 -2.66 7.90 -20.01
N TYR A 330 -2.90 6.61 -20.20
CA TYR A 330 -3.52 5.76 -19.19
C TYR A 330 -2.56 4.60 -18.94
N ILE A 331 -2.02 4.53 -17.73
CA ILE A 331 -1.23 3.39 -17.29
C ILE A 331 -2.03 2.66 -16.24
N TYR A 332 -2.18 1.35 -16.39
CA TYR A 332 -3.05 0.61 -15.49
C TYR A 332 -2.60 -0.83 -15.40
N ASN A 333 -3.06 -1.53 -14.35
CA ASN A 333 -2.74 -2.95 -14.17
C ASN A 333 -4.01 -3.70 -13.81
N VAL A 334 -4.29 -4.74 -14.56
CA VAL A 334 -5.41 -5.63 -14.31
C VAL A 334 -4.85 -6.89 -13.68
N CYS A 335 -5.66 -7.50 -12.81
CA CYS A 335 -5.20 -8.51 -11.89
C CYS A 335 -6.36 -9.42 -11.52
N ASP A 336 -6.16 -10.73 -11.57
CA ASP A 336 -7.23 -11.68 -11.39
C ASP A 336 -7.24 -12.27 -9.98
N HIS A 337 -8.37 -12.17 -9.30
CA HIS A 337 -8.45 -12.68 -7.94
C HIS A 337 -8.16 -14.18 -7.86
N LYS A 338 -8.77 -14.96 -8.76
CA LYS A 338 -8.53 -16.40 -8.71
C LYS A 338 -7.09 -16.72 -9.05
N LYS A 339 -6.53 -16.03 -10.06
CA LYS A 339 -5.15 -16.33 -10.44
C LYS A 339 -4.20 -16.03 -9.28
N CYS A 340 -4.44 -14.94 -8.55
CA CYS A 340 -3.64 -14.62 -7.36
C CYS A 340 -3.77 -15.70 -6.29
N TYR A 341 -5.00 -16.16 -6.01
CA TYR A 341 -5.19 -17.22 -5.05
C TYR A 341 -4.29 -18.41 -5.37
N GLU A 342 -4.34 -18.87 -6.62
CA GLU A 342 -3.65 -20.08 -6.98
C GLU A 342 -2.15 -19.91 -7.02
N GLU A 343 -1.67 -18.68 -7.16
CA GLU A 343 -0.23 -18.49 -7.09
C GLU A 343 0.25 -18.48 -5.64
N VAL A 344 -0.31 -17.62 -4.77
CA VAL A 344 0.24 -17.40 -3.43
C VAL A 344 -0.80 -17.52 -2.33
N GLY A 345 -1.97 -18.06 -2.65
CA GLY A 345 -3.03 -18.23 -1.69
C GLY A 345 -3.74 -16.97 -1.25
N SER A 346 -3.45 -15.83 -1.88
CA SER A 346 -4.02 -14.56 -1.45
C SER A 346 -4.87 -14.01 -2.57
N GLN A 347 -5.63 -12.97 -2.27
CA GLN A 347 -6.47 -12.37 -3.30
C GLN A 347 -5.79 -11.13 -3.87
N ALA A 348 -6.49 -10.46 -4.77
CA ALA A 348 -5.85 -9.49 -5.64
C ALA A 348 -5.48 -8.20 -4.96
N ILE A 349 -6.02 -7.93 -3.77
CA ILE A 349 -5.63 -6.70 -3.10
C ILE A 349 -4.38 -6.94 -2.27
N SER A 350 -4.38 -8.03 -1.49
CA SER A 350 -3.16 -8.53 -0.88
C SER A 350 -2.05 -8.59 -1.92
N TYR A 351 -2.40 -9.07 -3.13
CA TYR A 351 -1.39 -9.33 -4.16
C TYR A 351 -0.83 -8.03 -4.69
N THR A 352 -1.69 -7.15 -5.17
CA THR A 352 -1.24 -5.92 -5.81
C THR A 352 -0.48 -5.03 -4.84
N THR A 353 -0.62 -5.28 -3.55
CA THR A 353 0.11 -4.47 -2.60
C THR A 353 1.43 -5.13 -2.23
N GLY A 354 1.44 -6.44 -2.05
CA GLY A 354 2.64 -7.11 -1.58
C GLY A 354 3.76 -7.15 -2.58
N VAL A 355 3.40 -7.50 -3.82
CA VAL A 355 4.40 -7.61 -4.88
C VAL A 355 5.24 -6.34 -5.01
N PRO A 356 4.65 -5.13 -5.06
CA PRO A 356 5.48 -3.92 -5.14
C PRO A 356 6.41 -3.77 -3.97
N ALA A 357 5.95 -4.08 -2.77
CA ALA A 357 6.83 -4.00 -1.61
C ALA A 357 7.98 -4.99 -1.72
N MET A 358 7.70 -6.23 -2.14
CA MET A 358 8.79 -7.16 -2.39
C MET A 358 9.72 -6.64 -3.47
N CYS A 359 9.20 -5.90 -4.44
CA CYS A 359 10.07 -5.33 -5.46
C CYS A 359 10.98 -4.27 -4.87
N ALA A 360 10.40 -3.31 -4.15
CA ALA A 360 11.21 -2.26 -3.54
C ALA A 360 12.28 -2.85 -2.64
N ALA A 361 11.95 -3.93 -1.92
CA ALA A 361 12.98 -4.66 -1.19
C ALA A 361 14.09 -5.11 -2.12
N LYS A 362 13.73 -5.73 -3.25
CA LYS A 362 14.75 -6.18 -4.20
C LYS A 362 15.59 -5.00 -4.72
N MET A 363 14.95 -3.85 -4.98
CA MET A 363 15.73 -2.68 -5.40
C MET A 363 16.79 -2.34 -4.39
N ILE A 364 16.42 -2.39 -3.11
CA ILE A 364 17.34 -1.96 -2.07
C ILE A 364 18.47 -2.96 -1.93
N CYS A 365 18.14 -4.24 -1.78
CA CYS A 365 19.18 -5.27 -1.59
C CYS A 365 20.16 -5.28 -2.75
N ASN A 366 19.67 -5.04 -3.97
CA ASN A 366 20.49 -4.99 -5.17
C ASN A 366 21.23 -3.67 -5.32
N ASP A 367 21.09 -2.77 -4.37
CA ASP A 367 21.64 -1.41 -4.44
C ASP A 367 21.20 -0.67 -5.70
N THR A 368 20.24 -1.23 -6.42
CA THR A 368 19.61 -0.52 -7.53
C THR A 368 19.09 0.82 -7.07
N TRP A 369 18.53 0.86 -5.88
CA TRP A 369 18.14 2.07 -5.17
C TRP A 369 19.13 2.24 -4.03
N SER A 370 19.94 3.28 -4.10
CA SER A 370 21.09 3.34 -3.19
C SER A 370 21.22 4.73 -2.59
N ALA A 371 21.67 4.77 -1.34
CA ALA A 371 21.94 6.04 -0.68
C ALA A 371 23.27 6.64 -1.15
N ASP A 372 24.24 5.81 -1.51
CA ASP A 372 25.40 6.25 -2.27
C ASP A 372 25.02 6.26 -3.75
N HIS A 373 25.38 7.32 -4.47
CA HIS A 373 24.98 7.53 -5.87
C HIS A 373 23.55 8.09 -5.98
N PHE A 374 23.18 8.94 -5.02
CA PHE A 374 21.92 9.65 -4.92
C PHE A 374 21.96 10.40 -3.61
N ARG A 375 20.95 11.21 -3.36
CA ARG A 375 20.74 11.71 -2.01
C ARG A 375 20.30 10.55 -1.12
N ALA A 376 20.62 10.66 0.16
CA ALA A 376 20.20 9.67 1.14
C ALA A 376 19.06 10.22 1.97
N GLY A 377 18.31 9.31 2.57
CA GLY A 377 17.24 9.70 3.46
C GLY A 377 15.87 9.12 3.16
N VAL A 378 14.85 9.98 3.26
CA VAL A 378 13.47 9.54 3.20
C VAL A 378 12.85 10.05 1.91
N PHE A 379 12.28 9.12 1.16
CA PHE A 379 11.79 9.38 -0.19
C PHE A 379 10.47 8.67 -0.48
N ASN A 380 9.59 9.37 -1.22
CA ASN A 380 8.45 8.69 -1.84
C ASN A 380 8.87 8.07 -3.16
N ILE A 381 8.04 7.16 -3.65
CA ILE A 381 8.44 6.31 -4.77
C ILE A 381 8.72 7.15 -6.02
N GLU A 382 7.93 8.18 -6.26
CA GLU A 382 8.13 8.94 -7.50
C GLU A 382 9.47 9.66 -7.54
N GLU A 383 10.19 9.71 -6.41
CA GLU A 383 11.49 10.35 -6.32
C GLU A 383 12.61 9.44 -6.79
N LEU A 384 12.39 8.14 -6.87
CA LEU A 384 13.47 7.19 -7.16
C LEU A 384 13.53 6.87 -8.66
N ASN A 385 14.55 6.09 -9.04
CA ASN A 385 14.60 5.57 -10.41
C ASN A 385 13.55 4.48 -10.55
N THR A 386 12.50 4.78 -11.29
CA THR A 386 11.40 3.84 -11.45
C THR A 386 11.59 2.84 -12.57
N ASP A 387 12.46 3.12 -13.53
CA ASP A 387 12.61 2.26 -14.69
C ASP A 387 12.85 0.82 -14.26
N PRO A 388 13.87 0.53 -13.44
CA PRO A 388 14.07 -0.88 -13.03
C PRO A 388 12.97 -1.41 -12.15
N PHE A 389 12.31 -0.51 -11.41
CA PHE A 389 11.20 -0.91 -10.55
C PHE A 389 10.04 -1.44 -11.39
N MET A 390 9.70 -0.71 -12.46
CA MET A 390 8.64 -1.12 -13.35
C MET A 390 8.97 -2.45 -14.03
N GLU A 391 10.20 -2.60 -14.49
CA GLU A 391 10.59 -3.87 -15.07
C GLU A 391 10.44 -4.99 -14.06
N GLU A 392 10.73 -4.74 -12.78
CA GLU A 392 10.57 -5.83 -11.83
C GLU A 392 9.10 -6.16 -11.63
N LEU A 393 8.24 -5.14 -11.62
CA LEU A 393 6.81 -5.34 -11.49
C LEU A 393 6.31 -6.27 -12.58
N ILE A 394 6.73 -6.02 -13.82
CA ILE A 394 6.36 -6.90 -14.92
C ILE A 394 6.79 -8.34 -14.61
N LYS A 395 8.01 -8.49 -14.11
CA LYS A 395 8.59 -9.81 -13.93
C LYS A 395 7.93 -10.54 -12.79
N GLN A 396 7.39 -9.80 -11.82
CA GLN A 396 6.80 -10.39 -10.62
C GLN A 396 5.28 -10.49 -10.69
N GLY A 397 4.67 -10.15 -11.82
CA GLY A 397 3.25 -10.40 -12.02
C GLY A 397 2.35 -9.20 -12.08
N LEU A 398 2.88 -7.99 -12.17
CA LEU A 398 2.06 -6.79 -12.28
C LEU A 398 2.35 -6.06 -13.59
N PRO A 399 2.21 -6.74 -14.74
CA PRO A 399 2.38 -6.05 -16.02
C PRO A 399 1.36 -4.95 -16.16
N TYR A 400 1.74 -3.92 -16.86
CA TYR A 400 0.91 -2.74 -17.04
C TYR A 400 0.61 -2.55 -18.52
N GLU A 401 -0.49 -1.84 -18.80
CA GLU A 401 -0.77 -1.29 -20.11
C GLU A 401 -0.47 0.19 -20.09
N VAL A 402 -0.21 0.73 -21.27
CA VAL A 402 0.15 2.13 -21.45
C VAL A 402 -0.61 2.58 -22.66
N ILE A 403 -1.38 3.66 -22.53
CA ILE A 403 -2.37 3.98 -23.56
C ILE A 403 -2.42 5.48 -23.80
N GLU A 404 -2.07 5.88 -25.04
CA GLU A 404 -2.14 7.27 -25.49
C GLU A 404 -3.44 7.56 -26.23
N ARG A 405 -3.90 8.80 -26.12
CA ARG A 405 -5.00 9.30 -26.94
C ARG A 405 -4.82 10.80 -27.13
#